data_8XFZ
#
_entry.id   8XFZ
#
_cell.length_a   56.490
_cell.length_b   70.826
_cell.length_c   117.044
_cell.angle_alpha   90.000
_cell.angle_beta   90.000
_cell.angle_gamma   90.000
#
_symmetry.space_group_name_H-M   'P 21 21 21'
#
loop_
_entity.id
_entity.type
_entity.pdbx_description
1 polymer 'HLA class I heavy chain'
2 polymer Beta-2-microglobulin
3 polymer 'Major capsid protein L1'
4 water water
#
loop_
_entity_poly.entity_id
_entity_poly.type
_entity_poly.pdbx_seq_one_letter_code
_entity_poly.pdbx_strand_id
1 'polypeptide(L)'
;GSHSMRYFYTSVSRPGRGEPRFIAVGYVDDTQFVRFDSDAASQRMEPRAPWIEQEGPEYWDRNTRNVKAHSQTDRANLGT
LRGYYNQSEDGSHTIQRMYGCDVGPDGRFLRGYQQDAYDGKDYIALNEDLRSWTAADMAAQITQRKWETAHEAEQWRAYL
EGRCVEWLRRYLENGKETLQRTDAPKTHMTHHAVSDHEATLRCWALSFYPAEITLTWQRDGEDQTQDTELVETRPAGDGT
FQKWASVVVPSGQEQRYTCHVQHEGLPKPLTLRW
;
A
2 'polypeptide(L)'
;IQRTPKIQVYSRHPAENGKSNFLNCYVSGFHPSDIEVDLLKNGERIEKVEHSDLSFSKDWSFYLLYYTEFTPTEKDEYAC
RVNHVTLSQPKIVKWDRDM
;
B
3 'polypeptide(L)' YVARTNIYY C
#
# COMPACT_ATOMS: atom_id res chain seq x y z
N GLY A 1 -4.76 -7.78 -19.05
CA GLY A 1 -6.05 -7.31 -18.53
C GLY A 1 -6.08 -5.80 -18.51
N SER A 2 -6.73 -5.23 -17.49
CA SER A 2 -6.68 -3.80 -17.27
C SER A 2 -5.44 -3.44 -16.45
N HIS A 3 -5.10 -2.16 -16.42
CA HIS A 3 -3.91 -1.70 -15.73
C HIS A 3 -4.14 -0.28 -15.25
N SER A 4 -3.27 0.16 -14.35
CA SER A 4 -3.39 1.46 -13.73
C SER A 4 -2.01 1.99 -13.38
N MET A 5 -1.95 3.31 -13.22
CA MET A 5 -0.75 3.97 -12.74
C MET A 5 -1.21 5.02 -11.75
N ARG A 6 -0.58 5.04 -10.57
CA ARG A 6 -0.91 6.01 -9.54
C ARG A 6 0.36 6.64 -8.99
N TYR A 7 0.22 7.89 -8.58
CA TYR A 7 1.18 8.55 -7.72
C TYR A 7 0.51 8.80 -6.37
N PHE A 8 1.24 8.54 -5.29
CA PHE A 8 0.74 8.77 -3.93
C PHE A 8 1.67 9.76 -3.25
N TYR A 9 1.14 10.94 -2.88
CA TYR A 9 1.91 11.97 -2.21
C TYR A 9 1.51 12.03 -0.74
N THR A 10 2.49 12.13 0.15
CA THR A 10 2.24 12.35 1.58
C THR A 10 3.11 13.50 2.07
N SER A 11 2.47 14.53 2.64
CA SER A 11 3.15 15.66 3.26
C SER A 11 2.75 15.71 4.72
N VAL A 12 3.74 15.90 5.60
CA VAL A 12 3.51 15.90 7.03
C VAL A 12 4.24 17.09 7.63
N SER A 13 3.59 17.77 8.57
CA SER A 13 4.22 18.86 9.29
C SER A 13 4.78 18.31 10.59
N ARG A 14 5.83 18.97 11.11
CA ARG A 14 6.54 18.51 12.30
C ARG A 14 6.79 19.66 13.27
N PRO A 15 5.73 20.27 13.81
CA PRO A 15 5.94 21.45 14.66
C PRO A 15 6.83 21.15 15.85
N GLY A 16 7.76 22.07 16.12
CA GLY A 16 8.71 21.85 17.18
C GLY A 16 9.89 20.98 16.84
N ARG A 17 9.94 20.44 15.60
CA ARG A 17 11.03 19.54 15.21
C ARG A 17 11.52 19.76 13.78
N GLY A 18 11.00 20.75 13.06
CA GLY A 18 11.53 21.00 11.73
C GLY A 18 10.47 21.36 10.71
N GLU A 19 10.86 21.55 9.46
CA GLU A 19 9.93 21.92 8.41
C GLU A 19 9.20 20.68 7.94
N PRO A 20 8.20 20.83 7.06
CA PRO A 20 7.44 19.66 6.62
C PRO A 20 8.29 18.67 5.82
N ARG A 21 7.73 17.47 5.63
CA ARG A 21 8.38 16.41 4.86
C ARG A 21 7.41 15.90 3.81
N PHE A 22 7.92 15.73 2.59
CA PHE A 22 7.14 15.32 1.43
C PHE A 22 7.71 14.04 0.86
N ILE A 23 6.86 13.04 0.65
CA ILE A 23 7.27 11.77 0.05
C ILE A 23 6.28 11.43 -1.07
N ALA A 24 6.81 11.17 -2.27
CA ALA A 24 6.01 10.71 -3.40
C ALA A 24 6.48 9.32 -3.81
N VAL A 25 5.53 8.47 -4.22
CA VAL A 25 5.83 7.17 -4.79
C VAL A 25 4.93 6.95 -5.99
N GLY A 26 5.43 6.20 -6.96
CA GLY A 26 4.68 5.89 -8.17
C GLY A 26 4.55 4.39 -8.36
N TYR A 27 3.36 3.95 -8.79
CA TYR A 27 3.03 2.55 -9.01
C TYR A 27 2.46 2.33 -10.41
N VAL A 28 2.81 1.20 -11.01
CA VAL A 28 2.02 0.57 -12.05
C VAL A 28 1.44 -0.69 -11.43
N ASP A 29 0.12 -0.77 -11.36
CA ASP A 29 -0.61 -1.86 -10.68
C ASP A 29 -0.05 -1.99 -9.27
N ASP A 30 0.35 -3.17 -8.81
CA ASP A 30 0.84 -3.31 -7.44
C ASP A 30 2.36 -3.29 -7.35
N THR A 31 3.03 -2.65 -8.32
CA THR A 31 4.48 -2.63 -8.43
C THR A 31 4.96 -1.18 -8.35
N GLN A 32 5.80 -0.88 -7.35
CA GLN A 32 6.36 0.48 -7.20
C GLN A 32 7.52 0.67 -8.17
N PHE A 33 7.62 1.87 -8.74
CA PHE A 33 8.73 2.09 -9.67
C PHE A 33 9.53 3.36 -9.46
N VAL A 34 9.03 4.37 -8.75
CA VAL A 34 9.80 5.57 -8.42
C VAL A 34 9.45 6.06 -7.03
N ARG A 35 10.32 6.92 -6.49
CA ARG A 35 10.12 7.60 -5.24
C ARG A 35 10.85 8.95 -5.25
N PHE A 36 10.37 9.88 -4.43
CA PHE A 36 11.06 11.12 -4.13
C PHE A 36 10.84 11.45 -2.66
N ASP A 37 11.90 11.89 -1.99
CA ASP A 37 11.89 12.12 -0.55
C ASP A 37 12.57 13.46 -0.29
N SER A 38 11.80 14.45 0.16
CA SER A 38 12.33 15.79 0.39
C SER A 38 13.34 15.82 1.53
N ASP A 39 13.37 14.81 2.39
CA ASP A 39 14.38 14.76 3.44
C ASP A 39 15.69 14.11 2.99
N ALA A 40 15.68 13.38 1.87
CA ALA A 40 16.86 12.61 1.49
C ALA A 40 17.91 13.48 0.80
N ALA A 41 19.16 13.01 0.83
CA ALA A 41 20.28 13.80 0.35
C ALA A 41 20.24 14.03 -1.17
N SER A 42 19.75 13.06 -1.93
CA SER A 42 19.90 13.07 -3.39
C SER A 42 19.07 14.18 -4.05
N GLN A 43 17.89 14.47 -3.51
CA GLN A 43 16.99 15.49 -4.05
C GLN A 43 16.66 15.24 -5.54
N ARG A 44 16.62 13.98 -5.94
CA ARG A 44 16.21 13.58 -7.29
C ARG A 44 15.13 12.49 -7.21
N MET A 45 14.36 12.36 -8.28
CA MET A 45 13.48 11.21 -8.41
C MET A 45 14.33 9.96 -8.59
N GLU A 46 14.05 8.90 -7.79
CA GLU A 46 14.91 7.72 -7.79
C GLU A 46 14.18 6.52 -8.39
N PRO A 47 14.91 5.64 -9.08
CA PRO A 47 14.29 4.42 -9.59
C PRO A 47 14.02 3.42 -8.48
N ARG A 48 12.91 2.68 -8.61
CA ARG A 48 12.57 1.66 -7.62
C ARG A 48 12.16 0.34 -8.24
N ALA A 49 12.37 0.17 -9.54
CA ALA A 49 12.12 -1.10 -10.20
C ALA A 49 13.16 -1.22 -11.31
N PRO A 50 13.57 -2.44 -11.67
CA PRO A 50 14.59 -2.56 -12.73
C PRO A 50 14.19 -1.90 -14.04
N TRP A 51 12.93 -2.00 -14.46
CA TRP A 51 12.55 -1.62 -15.81
C TRP A 51 12.39 -0.12 -16.03
N ILE A 52 12.40 0.69 -14.97
CA ILE A 52 12.42 2.12 -15.18
C ILE A 52 13.85 2.64 -15.36
N GLU A 53 14.83 1.87 -14.90
CA GLU A 53 16.22 2.29 -14.89
C GLU A 53 16.74 2.68 -16.27
N GLN A 54 16.12 2.17 -17.35
CA GLN A 54 16.59 2.45 -18.70
C GLN A 54 16.19 3.83 -19.21
N GLU A 55 15.27 4.51 -18.53
CA GLU A 55 14.90 5.86 -18.96
C GLU A 55 16.09 6.80 -18.87
N GLY A 56 16.18 7.73 -19.81
CA GLY A 56 17.35 8.58 -19.95
C GLY A 56 17.34 9.82 -19.09
N PRO A 57 18.43 10.58 -19.15
CA PRO A 57 18.62 11.70 -18.21
C PRO A 57 17.55 12.78 -18.26
N GLU A 58 16.92 13.04 -19.42
CA GLU A 58 15.86 14.05 -19.38
C GLU A 58 14.59 13.53 -18.70
N TYR A 59 14.32 12.23 -18.81
CA TYR A 59 13.24 11.64 -18.04
C TYR A 59 13.40 11.98 -16.56
N TRP A 60 14.52 11.57 -15.98
CA TRP A 60 14.77 11.81 -14.57
C TRP A 60 14.78 13.29 -14.22
N ASP A 61 15.33 14.12 -15.10
CA ASP A 61 15.38 15.54 -14.78
C ASP A 61 13.98 16.16 -14.78
N ARG A 62 13.16 15.84 -15.77
CA ARG A 62 11.82 16.42 -15.81
C ARG A 62 10.93 15.88 -14.69
N ASN A 63 10.98 14.58 -14.44
CA ASN A 63 10.26 14.03 -13.29
C ASN A 63 10.71 14.66 -11.99
N THR A 64 12.02 14.87 -11.83
CA THR A 64 12.51 15.51 -10.62
C THR A 64 11.97 16.92 -10.49
N ARG A 65 12.07 17.71 -11.57
CA ARG A 65 11.56 19.08 -11.56
C ARG A 65 10.07 19.11 -11.22
N ASN A 66 9.29 18.25 -11.86
CA ASN A 66 7.85 18.24 -11.61
C ASN A 66 7.56 17.89 -10.16
N VAL A 67 8.16 16.81 -9.66
CA VAL A 67 7.81 16.39 -8.30
C VAL A 67 8.36 17.39 -7.28
N LYS A 68 9.43 18.13 -7.63
CA LYS A 68 9.94 19.13 -6.71
C LYS A 68 9.00 20.32 -6.58
N ALA A 69 8.28 20.68 -7.65
CA ALA A 69 7.32 21.77 -7.55
C ALA A 69 6.11 21.35 -6.71
N HIS A 70 5.62 20.13 -6.93
CA HIS A 70 4.59 19.58 -6.05
C HIS A 70 5.07 19.47 -4.61
N SER A 71 6.28 18.95 -4.40
CA SER A 71 6.82 18.91 -3.05
C SER A 71 6.74 20.27 -2.37
N GLN A 72 7.15 21.32 -3.08
CA GLN A 72 7.20 22.65 -2.49
C GLN A 72 5.80 23.19 -2.20
N THR A 73 4.88 23.00 -3.14
CA THR A 73 3.51 23.46 -2.93
C THR A 73 2.85 22.75 -1.76
N ASP A 74 2.82 21.40 -1.80
CA ASP A 74 2.15 20.65 -0.74
C ASP A 74 2.80 20.91 0.61
N ARG A 75 4.10 21.18 0.67
CA ARG A 75 4.68 21.54 1.96
C ARG A 75 4.17 22.88 2.44
N ALA A 76 3.91 23.81 1.51
CA ALA A 76 3.30 25.09 1.84
C ALA A 76 1.81 24.95 2.12
N ASN A 77 1.13 24.02 1.42
CA ASN A 77 -0.31 23.81 1.62
C ASN A 77 -0.64 23.46 3.05
N LEU A 78 0.28 22.84 3.78
CA LEU A 78 0.03 22.53 5.19
C LEU A 78 -0.21 23.81 5.98
N GLY A 79 0.58 24.86 5.72
CA GLY A 79 0.36 26.12 6.42
C GLY A 79 -0.94 26.80 6.02
N THR A 80 -1.29 26.71 4.73
CA THR A 80 -2.58 27.21 4.27
C THR A 80 -3.73 26.57 5.03
N LEU A 81 -3.75 25.23 5.09
CA LEU A 81 -4.91 24.54 5.67
C LEU A 81 -5.04 24.85 7.15
N ARG A 82 -3.93 24.84 7.86
CA ARG A 82 -3.94 25.19 9.28
C ARG A 82 -4.54 26.58 9.49
N GLY A 83 -4.44 27.47 8.49
CA GLY A 83 -5.07 28.77 8.56
C GLY A 83 -6.53 28.79 8.18
N TYR A 84 -6.91 28.04 7.14
CA TYR A 84 -8.34 27.89 6.79
C TYR A 84 -9.14 27.30 7.95
N TYR A 85 -8.60 26.28 8.61
CA TYR A 85 -9.28 25.56 9.67
C TYR A 85 -9.03 26.17 11.04
N ASN A 86 -8.19 27.22 11.12
CA ASN A 86 -7.91 27.92 12.38
C ASN A 86 -7.34 26.97 13.42
N GLN A 87 -6.47 26.08 12.97
CA GLN A 87 -5.83 25.11 13.84
C GLN A 87 -4.62 25.72 14.50
N SER A 88 -4.39 25.37 15.75
CA SER A 88 -3.21 25.87 16.43
C SER A 88 -1.97 25.30 15.76
N GLU A 89 -0.87 26.05 15.85
CA GLU A 89 0.39 25.58 15.30
C GLU A 89 0.98 24.43 16.09
N ASP A 90 0.37 24.10 17.23
CA ASP A 90 0.84 23.00 18.08
C ASP A 90 0.69 21.63 17.42
N GLY A 91 -0.17 21.51 16.40
CA GLY A 91 -0.64 20.21 15.94
C GLY A 91 0.07 19.75 14.67
N SER A 92 0.38 18.45 14.64
CA SER A 92 0.97 17.83 13.46
C SER A 92 -0.13 17.37 12.52
N HIS A 93 -0.02 17.73 11.24
CA HIS A 93 -1.07 17.51 10.24
C HIS A 93 -0.50 16.89 8.96
N THR A 94 -1.40 16.42 8.08
CA THR A 94 -1.09 15.51 6.99
C THR A 94 -1.88 15.88 5.76
N ILE A 95 -1.23 15.97 4.61
CA ILE A 95 -1.91 16.13 3.34
C ILE A 95 -1.53 14.93 2.49
N GLN A 96 -2.53 14.27 1.92
CA GLN A 96 -2.30 13.14 1.05
C GLN A 96 -3.00 13.43 -0.28
N ARG A 97 -2.47 12.87 -1.34
CA ARG A 97 -3.03 13.06 -2.66
C ARG A 97 -2.74 11.81 -3.47
N MET A 98 -3.75 11.33 -4.18
CA MET A 98 -3.59 10.23 -5.12
C MET A 98 -4.07 10.73 -6.47
N TYR A 99 -3.39 10.33 -7.53
CA TYR A 99 -3.84 10.68 -8.86
C TYR A 99 -3.29 9.65 -9.85
N GLY A 100 -3.98 9.49 -10.96
CA GLY A 100 -3.56 8.51 -11.95
C GLY A 100 -4.72 8.10 -12.84
N CYS A 101 -4.46 7.06 -13.62
CA CYS A 101 -5.35 6.66 -14.69
C CYS A 101 -5.38 5.13 -14.82
N ASP A 102 -6.56 4.61 -15.19
CA ASP A 102 -6.73 3.21 -15.60
C ASP A 102 -6.85 3.15 -17.11
N VAL A 103 -6.32 2.06 -17.69
CA VAL A 103 -6.57 1.74 -19.09
C VAL A 103 -7.08 0.31 -19.18
N GLY A 104 -7.91 0.07 -20.19
CA GLY A 104 -8.39 -1.26 -20.46
C GLY A 104 -7.36 -2.09 -21.20
N PRO A 105 -7.74 -3.30 -21.61
CA PRO A 105 -6.80 -4.17 -22.33
C PRO A 105 -6.39 -3.64 -23.69
N ASP A 106 -7.13 -2.72 -24.28
CA ASP A 106 -6.68 -2.07 -25.50
C ASP A 106 -5.61 -1.00 -25.24
N GLY A 107 -5.28 -0.72 -23.98
CA GLY A 107 -4.32 0.33 -23.65
C GLY A 107 -4.87 1.72 -23.70
N ARG A 108 -6.20 1.88 -23.71
CA ARG A 108 -6.87 3.16 -23.91
C ARG A 108 -7.54 3.63 -22.64
N PHE A 109 -7.79 4.93 -22.60
CA PHE A 109 -8.26 5.57 -21.38
C PHE A 109 -9.61 4.98 -20.93
N LEU A 110 -9.66 4.55 -19.68
CA LEU A 110 -10.94 4.28 -19.04
C LEU A 110 -11.34 5.40 -18.09
N ARG A 111 -10.41 5.82 -17.26
CA ARG A 111 -10.79 6.60 -16.09
C ARG A 111 -9.54 7.23 -15.51
N GLY A 112 -9.72 8.40 -14.90
CA GLY A 112 -8.63 9.11 -14.29
C GLY A 112 -9.09 9.69 -12.97
N TYR A 113 -8.12 9.90 -12.07
CA TYR A 113 -8.45 10.27 -10.72
C TYR A 113 -7.51 11.34 -10.21
N GLN A 114 -8.02 12.16 -9.30
CA GLN A 114 -7.19 13.04 -8.51
C GLN A 114 -7.95 13.32 -7.22
N GLN A 115 -7.42 12.83 -6.09
CA GLN A 115 -8.11 12.89 -4.82
C GLN A 115 -7.14 13.32 -3.72
N ASP A 116 -7.60 14.20 -2.86
CA ASP A 116 -6.79 14.80 -1.81
C ASP A 116 -7.45 14.55 -0.47
N ALA A 117 -6.63 14.36 0.57
CA ALA A 117 -7.12 14.16 1.93
C ALA A 117 -6.28 14.99 2.87
N TYR A 118 -6.93 15.55 3.88
CA TYR A 118 -6.25 16.32 4.91
C TYR A 118 -6.52 15.61 6.24
N ASP A 119 -5.46 15.20 6.92
CA ASP A 119 -5.56 14.43 8.16
C ASP A 119 -6.46 13.20 7.99
N GLY A 120 -6.24 12.46 6.90
CA GLY A 120 -6.90 11.19 6.67
C GLY A 120 -8.36 11.27 6.24
N LYS A 121 -8.90 12.47 6.07
CA LYS A 121 -10.30 12.67 5.73
C LYS A 121 -10.37 13.45 4.41
N ASP A 122 -11.36 13.11 3.57
CA ASP A 122 -11.51 13.71 2.24
C ASP A 122 -11.48 15.23 2.32
N TYR A 123 -10.70 15.85 1.44
CA TYR A 123 -10.65 17.30 1.33
C TYR A 123 -11.24 17.79 0.02
N ILE A 124 -10.64 17.42 -1.10
CA ILE A 124 -11.18 17.78 -2.42
C ILE A 124 -10.85 16.65 -3.37
N ALA A 125 -11.73 16.45 -4.35
CA ALA A 125 -11.53 15.41 -5.35
C ALA A 125 -11.99 15.92 -6.72
N LEU A 126 -11.25 15.52 -7.76
CA LEU A 126 -11.69 15.73 -9.13
C LEU A 126 -12.77 14.71 -9.45
N ASN A 127 -13.89 15.17 -10.00
CA ASN A 127 -14.98 14.29 -10.37
C ASN A 127 -14.64 13.52 -11.64
N GLU A 128 -15.50 12.56 -11.97
CA GLU A 128 -15.17 11.62 -13.05
C GLU A 128 -15.11 12.28 -14.41
N ASP A 129 -15.91 13.34 -14.61
CA ASP A 129 -15.87 14.03 -15.90
C ASP A 129 -14.61 14.88 -16.09
N LEU A 130 -13.75 14.97 -15.07
CA LEU A 130 -12.47 15.66 -15.14
C LEU A 130 -12.63 17.16 -15.43
N ARG A 131 -13.82 17.72 -15.17
CA ARG A 131 -14.10 19.12 -15.45
C ARG A 131 -14.52 19.93 -14.22
N SER A 132 -14.89 19.27 -13.12
CA SER A 132 -15.44 19.91 -11.94
C SER A 132 -14.90 19.20 -10.72
N TRP A 133 -15.09 19.81 -9.56
CA TRP A 133 -14.54 19.29 -8.32
C TRP A 133 -15.63 19.14 -7.26
N THR A 134 -15.39 18.24 -6.31
CA THR A 134 -16.22 18.10 -5.12
C THR A 134 -15.41 18.53 -3.89
N ALA A 135 -15.85 19.61 -3.25
CA ALA A 135 -15.24 20.06 -2.01
C ALA A 135 -15.95 19.41 -0.82
N ALA A 136 -15.17 19.07 0.21
CA ALA A 136 -15.73 18.32 1.34
C ALA A 136 -16.29 19.23 2.43
N ASP A 137 -15.75 20.43 2.61
CA ASP A 137 -16.28 21.38 3.57
C ASP A 137 -16.02 22.79 3.06
N MET A 138 -16.34 23.79 3.89
CA MET A 138 -16.21 25.18 3.46
C MET A 138 -14.76 25.57 3.21
N ALA A 139 -13.83 24.94 3.92
CA ALA A 139 -12.41 25.16 3.65
C ALA A 139 -12.04 24.73 2.24
N ALA A 140 -12.37 23.49 1.89
CA ALA A 140 -12.07 23.03 0.53
C ALA A 140 -12.83 23.81 -0.52
N GLN A 141 -13.89 24.54 -0.15
CA GLN A 141 -14.58 25.39 -1.13
C GLN A 141 -13.69 26.58 -1.53
N ILE A 142 -12.94 27.13 -0.57
CA ILE A 142 -11.93 28.15 -0.89
C ILE A 142 -11.01 27.66 -1.99
N THR A 143 -10.47 26.45 -1.82
CA THR A 143 -9.60 25.86 -2.84
C THR A 143 -10.36 25.61 -4.13
N GLN A 144 -11.61 25.15 -4.04
CA GLN A 144 -12.38 24.86 -5.26
C GLN A 144 -12.55 26.10 -6.12
N ARG A 145 -12.90 27.22 -5.48
CA ARG A 145 -13.10 28.48 -6.20
C ARG A 145 -11.81 28.92 -6.88
N LYS A 146 -10.70 28.92 -6.14
CA LYS A 146 -9.39 29.24 -6.73
C LYS A 146 -9.13 28.39 -7.99
N TRP A 147 -9.36 27.09 -7.91
CA TRP A 147 -9.02 26.21 -9.04
C TRP A 147 -9.99 26.35 -10.22
N GLU A 148 -11.24 26.77 -9.97
CA GLU A 148 -12.18 26.85 -11.07
C GLU A 148 -11.95 28.11 -11.90
N THR A 149 -11.62 29.22 -11.25
CA THR A 149 -11.24 30.43 -11.96
C THR A 149 -10.04 30.18 -12.86
N ALA A 150 -8.92 29.71 -12.27
CA ALA A 150 -7.68 29.48 -13.00
C ALA A 150 -7.72 28.29 -13.94
N HIS A 151 -8.87 27.62 -14.10
CA HIS A 151 -9.07 26.59 -15.14
C HIS A 151 -8.17 25.38 -14.95
N GLU A 152 -7.79 25.07 -13.70
CA GLU A 152 -6.82 24.01 -13.46
C GLU A 152 -7.34 22.62 -13.80
N ALA A 153 -8.67 22.48 -13.92
CA ALA A 153 -9.26 21.18 -14.24
C ALA A 153 -8.78 20.62 -15.56
N GLU A 154 -8.66 21.47 -16.58
CA GLU A 154 -8.41 20.92 -17.90
C GLU A 154 -6.92 20.57 -18.06
N GLN A 155 -6.02 21.20 -17.29
CA GLN A 155 -4.66 20.69 -17.22
C GLN A 155 -4.63 19.29 -16.63
N TRP A 156 -5.37 19.05 -15.53
CA TRP A 156 -5.53 17.68 -15.02
C TRP A 156 -6.11 16.76 -16.10
N ARG A 157 -7.15 17.23 -16.79
CA ARG A 157 -7.79 16.40 -17.82
C ARG A 157 -6.79 16.03 -18.90
N ALA A 158 -6.03 17.02 -19.38
CA ALA A 158 -5.02 16.74 -20.40
C ALA A 158 -4.00 15.71 -19.93
N TYR A 159 -3.44 15.91 -18.71
CA TYR A 159 -2.49 14.93 -18.17
C TYR A 159 -3.13 13.56 -18.06
N LEU A 160 -4.30 13.49 -17.42
CA LEU A 160 -4.94 12.21 -17.12
C LEU A 160 -5.37 11.45 -18.37
N GLU A 161 -5.85 12.16 -19.40
CA GLU A 161 -6.30 11.50 -20.62
C GLU A 161 -5.18 11.33 -21.64
N GLY A 162 -4.07 12.03 -21.48
CA GLY A 162 -2.96 11.94 -22.40
C GLY A 162 -1.72 11.33 -21.81
N ARG A 163 -0.87 12.18 -21.21
CA ARG A 163 0.46 11.77 -20.76
C ARG A 163 0.40 10.56 -19.82
N CYS A 164 -0.53 10.56 -18.85
CA CYS A 164 -0.65 9.43 -17.94
C CYS A 164 -0.89 8.13 -18.70
N VAL A 165 -1.91 8.13 -19.56
CA VAL A 165 -2.23 6.96 -20.38
C VAL A 165 -1.03 6.52 -21.20
N GLU A 166 -0.37 7.49 -21.85
CA GLU A 166 0.67 7.16 -22.82
C GLU A 166 1.94 6.62 -22.15
N TRP A 167 2.34 7.18 -21.01
CA TRP A 167 3.53 6.62 -20.36
C TRP A 167 3.22 5.32 -19.62
N LEU A 168 2.00 5.17 -19.07
CA LEU A 168 1.59 3.86 -18.55
C LEU A 168 1.78 2.78 -19.62
N ARG A 169 1.36 3.07 -20.86
CA ARG A 169 1.57 2.12 -21.96
C ARG A 169 3.05 1.89 -22.22
N ARG A 170 3.86 2.95 -22.19
CA ARG A 170 5.30 2.78 -22.34
C ARG A 170 5.87 1.86 -21.25
N TYR A 171 5.58 2.17 -19.97
CA TYR A 171 6.07 1.33 -18.86
C TYR A 171 5.61 -0.11 -19.01
N LEU A 172 4.34 -0.33 -19.36
CA LEU A 172 3.84 -1.69 -19.56
C LEU A 172 4.68 -2.44 -20.58
N GLU A 173 5.10 -1.77 -21.65
CA GLU A 173 5.93 -2.41 -22.66
C GLU A 173 7.34 -2.67 -22.13
N ASN A 174 7.94 -1.65 -21.50
CA ASN A 174 9.34 -1.76 -21.10
C ASN A 174 9.54 -2.81 -20.01
N GLY A 175 8.54 -3.00 -19.14
CA GLY A 175 8.64 -3.97 -18.06
C GLY A 175 7.75 -5.17 -18.30
N LYS A 176 7.68 -5.60 -19.57
CA LYS A 176 6.80 -6.69 -20.00
C LYS A 176 6.87 -7.91 -19.07
N GLU A 177 8.08 -8.40 -18.82
CA GLU A 177 8.24 -9.62 -18.01
C GLU A 177 7.58 -9.45 -16.65
N THR A 178 7.92 -8.36 -15.96
CA THR A 178 7.44 -8.13 -14.61
C THR A 178 5.95 -7.79 -14.58
N LEU A 179 5.52 -6.84 -15.42
CA LEU A 179 4.22 -6.22 -15.19
C LEU A 179 3.05 -6.97 -15.82
N GLN A 180 3.27 -7.73 -16.88
CA GLN A 180 2.16 -8.38 -17.59
C GLN A 180 2.10 -9.87 -17.29
N ARG A 181 2.59 -10.29 -16.14
CA ARG A 181 2.52 -11.68 -15.68
C ARG A 181 1.33 -11.88 -14.74
N THR A 182 0.85 -13.13 -14.67
CA THR A 182 -0.05 -13.55 -13.61
C THR A 182 0.58 -14.76 -12.94
N ASP A 183 1.04 -14.57 -11.70
CA ASP A 183 1.59 -15.65 -10.90
C ASP A 183 0.45 -16.29 -10.11
N ALA A 184 0.14 -17.55 -10.43
CA ALA A 184 -1.00 -18.22 -9.80
C ALA A 184 -0.69 -18.48 -8.33
N PRO A 185 -1.69 -18.39 -7.45
CA PRO A 185 -1.45 -18.69 -6.03
C PRO A 185 -1.09 -20.16 -5.81
N LYS A 186 -0.07 -20.38 -4.99
CA LYS A 186 0.24 -21.70 -4.45
C LYS A 186 -0.50 -21.84 -3.12
N THR A 187 -1.39 -22.82 -3.03
CA THR A 187 -2.28 -22.92 -1.89
C THR A 187 -2.01 -24.20 -1.11
N HIS A 188 -2.30 -24.12 0.18
CA HIS A 188 -2.31 -25.28 1.05
C HIS A 188 -3.19 -24.93 2.24
N MET A 189 -3.34 -25.87 3.15
CA MET A 189 -4.25 -25.70 4.28
C MET A 189 -3.60 -26.27 5.54
N THR A 190 -3.53 -25.46 6.59
CA THR A 190 -3.04 -25.88 7.89
C THR A 190 -4.21 -26.05 8.86
N HIS A 191 -3.90 -26.54 10.06
CA HIS A 191 -4.94 -27.01 10.98
C HIS A 191 -4.37 -26.94 12.38
N HIS A 192 -5.04 -26.20 13.27
CA HIS A 192 -4.50 -25.88 14.59
C HIS A 192 -5.53 -26.22 15.65
N ALA A 193 -5.20 -27.16 16.52
CA ALA A 193 -6.09 -27.61 17.57
C ALA A 193 -5.60 -27.04 18.88
N VAL A 194 -6.49 -26.38 19.61
CA VAL A 194 -6.17 -25.82 20.92
C VAL A 194 -6.77 -26.71 22.01
N SER A 195 -7.90 -27.35 21.71
CA SER A 195 -8.60 -28.22 22.66
C SER A 195 -9.37 -29.29 21.87
N ASP A 196 -10.12 -30.13 22.62
CA ASP A 196 -10.74 -31.32 22.07
C ASP A 196 -11.95 -31.03 21.19
N HIS A 197 -12.60 -29.87 21.37
CA HIS A 197 -13.90 -29.59 20.81
C HIS A 197 -13.88 -28.72 19.56
N GLU A 198 -12.70 -28.29 19.12
CA GLU A 198 -12.62 -27.11 18.26
C GLU A 198 -11.25 -27.08 17.59
N ALA A 199 -11.26 -26.83 16.28
CA ALA A 199 -10.02 -26.68 15.54
C ALA A 199 -10.17 -25.51 14.58
N THR A 200 -9.03 -24.90 14.25
CA THR A 200 -8.99 -23.81 13.27
C THR A 200 -8.42 -24.34 11.95
N LEU A 201 -9.21 -24.23 10.88
CA LEU A 201 -8.72 -24.50 9.53
C LEU A 201 -8.18 -23.20 8.94
N ARG A 202 -6.99 -23.25 8.35
CA ARG A 202 -6.42 -22.07 7.73
C ARG A 202 -6.11 -22.36 6.27
N CYS A 203 -6.71 -21.57 5.39
CA CYS A 203 -6.46 -21.64 3.95
C CYS A 203 -5.44 -20.57 3.53
N TRP A 204 -4.36 -20.99 2.89
CA TRP A 204 -3.23 -20.16 2.50
C TRP A 204 -3.18 -19.92 1.00
N ALA A 205 -2.77 -18.71 0.61
CA ALA A 205 -2.40 -18.42 -0.77
C ALA A 205 -1.04 -17.73 -0.76
N LEU A 206 -0.06 -18.29 -1.46
CA LEU A 206 1.28 -17.75 -1.47
C LEU A 206 1.76 -17.44 -2.90
N SER A 207 2.75 -16.55 -2.99
CA SER A 207 3.50 -16.31 -4.23
C SER A 207 2.63 -15.82 -5.38
N PHE A 208 1.54 -15.11 -5.12
CA PHE A 208 0.67 -14.71 -6.22
C PHE A 208 0.90 -13.26 -6.61
N TYR A 209 0.57 -12.95 -7.88
CA TYR A 209 0.60 -11.61 -8.46
C TYR A 209 -0.40 -11.64 -9.59
N PRO A 210 -1.29 -10.63 -9.71
CA PRO A 210 -1.44 -9.41 -8.91
C PRO A 210 -2.03 -9.61 -7.52
N ALA A 211 -2.17 -8.51 -6.76
CA ALA A 211 -2.57 -8.59 -5.36
C ALA A 211 -4.03 -8.98 -5.19
N GLU A 212 -4.88 -8.58 -6.13
CA GLU A 212 -6.30 -8.91 -6.11
C GLU A 212 -6.51 -10.42 -5.97
N ILE A 213 -7.31 -10.82 -4.99
CA ILE A 213 -7.59 -12.24 -4.74
C ILE A 213 -8.81 -12.35 -3.82
N THR A 214 -9.53 -13.46 -3.95
CA THR A 214 -10.65 -13.76 -3.05
C THR A 214 -10.51 -15.17 -2.48
N LEU A 215 -10.53 -15.28 -1.16
CA LEU A 215 -10.62 -16.56 -0.46
C LEU A 215 -11.92 -16.59 0.31
N THR A 216 -12.75 -17.60 0.07
CA THR A 216 -14.04 -17.77 0.72
C THR A 216 -14.11 -19.16 1.34
N TRP A 217 -14.86 -19.29 2.43
CA TRP A 217 -15.15 -20.59 3.01
C TRP A 217 -16.55 -21.06 2.64
N GLN A 218 -16.69 -22.38 2.53
CA GLN A 218 -18.00 -23.00 2.38
C GLN A 218 -18.10 -24.18 3.32
N ARG A 219 -19.32 -24.43 3.80
CA ARG A 219 -19.68 -25.65 4.50
C ARG A 219 -20.77 -26.34 3.71
N ASP A 220 -20.54 -27.60 3.33
CA ASP A 220 -21.44 -28.38 2.47
C ASP A 220 -21.76 -27.66 1.16
N GLY A 221 -20.82 -26.85 0.65
CA GLY A 221 -21.07 -26.07 -0.55
C GLY A 221 -21.85 -24.79 -0.35
N GLU A 222 -22.24 -24.48 0.89
CA GLU A 222 -22.95 -23.25 1.19
C GLU A 222 -21.99 -22.26 1.81
N ASP A 223 -22.18 -20.98 1.49
CA ASP A 223 -21.29 -19.95 2.01
C ASP A 223 -21.30 -19.95 3.52
N GLN A 224 -20.17 -19.55 4.10
CA GLN A 224 -20.06 -19.48 5.55
C GLN A 224 -19.17 -18.30 5.90
N THR A 225 -19.70 -17.36 6.69
CA THR A 225 -18.93 -16.23 7.21
C THR A 225 -18.81 -16.24 8.72
N GLN A 226 -19.70 -16.93 9.43
CA GLN A 226 -19.59 -17.09 10.87
C GLN A 226 -18.28 -17.78 11.23
N ASP A 227 -17.58 -17.23 12.21
CA ASP A 227 -16.35 -17.80 12.78
C ASP A 227 -15.17 -17.80 11.81
N THR A 228 -15.16 -16.90 10.82
CA THR A 228 -14.07 -16.81 9.86
C THR A 228 -13.20 -15.59 10.16
N GLU A 229 -11.93 -15.67 9.77
CA GLU A 229 -10.98 -14.57 9.87
C GLU A 229 -10.24 -14.43 8.55
N LEU A 230 -10.03 -13.18 8.13
CA LEU A 230 -9.35 -12.92 6.86
C LEU A 230 -8.32 -11.82 7.10
N VAL A 231 -7.04 -12.12 6.90
CA VAL A 231 -6.00 -11.11 7.12
C VAL A 231 -5.85 -10.27 5.87
N GLU A 232 -5.32 -9.06 6.07
CA GLU A 232 -4.99 -8.18 4.96
C GLU A 232 -4.01 -8.88 4.02
N THR A 233 -4.26 -8.76 2.73
CA THR A 233 -3.26 -9.14 1.74
C THR A 233 -1.94 -8.46 2.03
N ARG A 234 -0.85 -9.22 1.93
CA ARG A 234 0.43 -8.72 2.43
C ARG A 234 1.55 -9.02 1.44
N PRO A 235 2.54 -8.12 1.33
CA PRO A 235 3.64 -8.33 0.38
C PRO A 235 4.66 -9.34 0.89
N ALA A 236 5.14 -10.21 -0.01
CA ALA A 236 6.20 -11.13 0.35
C ALA A 236 7.58 -10.49 0.32
N GLY A 237 7.73 -9.38 -0.41
CA GLY A 237 9.02 -8.71 -0.55
C GLY A 237 9.75 -9.01 -1.84
N ASP A 238 9.25 -9.96 -2.62
CA ASP A 238 9.85 -10.35 -3.89
C ASP A 238 8.93 -10.01 -5.07
N GLY A 239 7.95 -9.14 -4.85
CA GLY A 239 6.97 -8.82 -5.87
C GLY A 239 5.72 -9.66 -5.87
N THR A 240 5.60 -10.66 -4.99
CA THR A 240 4.37 -11.45 -4.87
C THR A 240 3.67 -11.11 -3.56
N PHE A 241 2.49 -11.71 -3.39
CA PHE A 241 1.65 -11.41 -2.24
C PHE A 241 1.20 -12.71 -1.56
N GLN A 242 0.71 -12.56 -0.33
CA GLN A 242 0.29 -13.66 0.52
C GLN A 242 -1.04 -13.27 1.17
N LYS A 243 -1.82 -14.29 1.53
CA LYS A 243 -3.09 -14.05 2.21
C LYS A 243 -3.53 -15.36 2.84
N TRP A 244 -4.30 -15.26 3.92
CA TRP A 244 -4.97 -16.46 4.39
C TRP A 244 -6.32 -16.11 4.96
N ALA A 245 -7.18 -17.13 4.98
CA ALA A 245 -8.51 -17.08 5.57
C ALA A 245 -8.63 -18.29 6.49
N SER A 246 -9.29 -18.12 7.62
CA SER A 246 -9.38 -19.20 8.60
C SER A 246 -10.80 -19.34 9.07
N VAL A 247 -11.10 -20.50 9.65
CA VAL A 247 -12.46 -20.76 10.14
C VAL A 247 -12.37 -21.70 11.34
N VAL A 248 -13.19 -21.43 12.35
CA VAL A 248 -13.28 -22.28 13.52
C VAL A 248 -14.45 -23.24 13.33
N VAL A 249 -14.16 -24.54 13.43
CA VAL A 249 -15.14 -25.59 13.19
C VAL A 249 -15.16 -26.51 14.39
N PRO A 250 -16.32 -27.08 14.74
CA PRO A 250 -16.34 -28.08 15.81
C PRO A 250 -15.60 -29.33 15.39
N SER A 251 -14.90 -29.95 16.35
CA SER A 251 -14.10 -31.14 16.04
C SER A 251 -14.95 -32.25 15.43
N GLY A 252 -14.40 -32.91 14.44
CA GLY A 252 -15.12 -33.91 13.68
C GLY A 252 -15.82 -33.38 12.46
N GLN A 253 -15.96 -32.07 12.31
CA GLN A 253 -16.69 -31.54 11.17
C GLN A 253 -15.79 -30.94 10.09
N GLU A 254 -14.46 -31.04 10.24
CA GLU A 254 -13.52 -30.49 9.26
C GLU A 254 -13.90 -30.86 7.82
N GLN A 255 -14.30 -32.12 7.60
CA GLN A 255 -14.53 -32.64 6.24
C GLN A 255 -15.58 -31.85 5.48
N ARG A 256 -16.52 -31.22 6.20
CA ARG A 256 -17.62 -30.52 5.54
C ARG A 256 -17.22 -29.18 4.96
N TYR A 257 -16.06 -28.65 5.34
CA TYR A 257 -15.66 -27.29 5.00
C TYR A 257 -14.77 -27.28 3.77
N THR A 258 -15.02 -26.33 2.88
CA THR A 258 -14.20 -26.14 1.69
C THR A 258 -13.67 -24.72 1.66
N CYS A 259 -12.40 -24.56 1.28
CA CYS A 259 -11.85 -23.24 0.98
C CYS A 259 -11.81 -23.00 -0.52
N HIS A 260 -12.18 -21.79 -0.95
CA HIS A 260 -12.29 -21.44 -2.36
C HIS A 260 -11.42 -20.23 -2.70
N VAL A 261 -10.56 -20.39 -3.70
CA VAL A 261 -9.55 -19.41 -4.07
C VAL A 261 -9.82 -18.94 -5.49
N GLN A 262 -10.10 -17.64 -5.66
CA GLN A 262 -10.26 -17.03 -6.98
C GLN A 262 -9.13 -16.03 -7.24
N HIS A 263 -8.42 -16.22 -8.35
CA HIS A 263 -7.34 -15.33 -8.78
C HIS A 263 -7.24 -15.38 -10.31
N GLU A 264 -6.88 -14.23 -10.89
CA GLU A 264 -6.91 -14.13 -12.35
C GLU A 264 -5.83 -14.99 -13.01
N GLY A 265 -4.93 -15.60 -12.24
CA GLY A 265 -3.95 -16.52 -12.76
C GLY A 265 -4.40 -17.95 -12.76
N LEU A 266 -5.64 -18.19 -12.34
CA LEU A 266 -6.23 -19.51 -12.26
C LEU A 266 -7.33 -19.60 -13.30
N PRO A 267 -7.23 -20.51 -14.28
CA PRO A 267 -8.32 -20.65 -15.27
C PRO A 267 -9.64 -21.03 -14.63
N LYS A 268 -9.60 -21.88 -13.62
CA LYS A 268 -10.74 -22.28 -12.82
C LYS A 268 -10.41 -22.03 -11.35
N PRO A 269 -11.39 -21.57 -10.55
CA PRO A 269 -11.12 -21.39 -9.12
C PRO A 269 -10.73 -22.70 -8.46
N LEU A 270 -9.82 -22.60 -7.48
CA LEU A 270 -9.37 -23.77 -6.73
C LEU A 270 -10.31 -24.08 -5.58
N THR A 271 -10.36 -25.36 -5.23
CA THR A 271 -11.16 -25.86 -4.11
C THR A 271 -10.29 -26.77 -3.26
N LEU A 272 -10.22 -26.48 -1.97
CA LEU A 272 -9.34 -27.20 -1.05
C LEU A 272 -10.15 -27.71 0.13
N ARG A 273 -9.78 -28.90 0.60
CA ARG A 273 -10.48 -29.55 1.69
C ARG A 273 -9.44 -30.22 2.58
N TRP A 274 -9.72 -30.24 3.87
CA TRP A 274 -8.79 -30.82 4.83
C TRP A 274 -8.81 -32.35 4.69
N ILE B 1 -9.22 11.83 13.30
CA ILE B 1 -9.33 10.53 13.95
C ILE B 1 -8.10 9.67 13.59
N GLN B 2 -7.62 8.91 14.58
CA GLN B 2 -6.46 8.05 14.42
C GLN B 2 -6.87 6.58 14.35
N ARG B 3 -6.07 5.82 13.59
CA ARG B 3 -6.31 4.39 13.38
C ARG B 3 -5.06 3.60 13.70
N THR B 4 -5.22 2.53 14.45
CA THR B 4 -4.08 1.83 14.97
C THR B 4 -3.55 0.82 13.95
N PRO B 5 -2.25 0.50 13.97
CA PRO B 5 -1.70 -0.38 12.93
C PRO B 5 -2.11 -1.84 13.14
N LYS B 6 -2.40 -2.52 12.04
CA LYS B 6 -2.45 -3.97 12.03
C LYS B 6 -1.05 -4.50 11.78
N ILE B 7 -0.68 -5.57 12.48
CA ILE B 7 0.70 -6.06 12.45
C ILE B 7 0.71 -7.52 12.02
N GLN B 8 1.55 -7.83 11.04
CA GLN B 8 1.75 -9.21 10.61
C GLN B 8 3.23 -9.47 10.49
N VAL B 9 3.70 -10.51 11.16
CA VAL B 9 5.09 -10.95 11.16
C VAL B 9 5.12 -12.32 10.50
N TYR B 10 6.04 -12.50 9.56
CA TYR B 10 6.00 -13.66 8.68
C TYR B 10 7.26 -13.63 7.82
N SER B 11 7.47 -14.73 7.12
CA SER B 11 8.65 -14.95 6.31
C SER B 11 8.30 -14.84 4.83
N ARG B 12 9.31 -14.58 4.02
CA ARG B 12 9.08 -14.44 2.59
C ARG B 12 8.68 -15.77 1.96
N HIS B 13 9.39 -16.84 2.31
CA HIS B 13 9.13 -18.20 1.86
C HIS B 13 8.82 -19.07 3.07
N PRO B 14 8.22 -20.24 2.87
CA PRO B 14 7.98 -21.15 4.00
C PRO B 14 9.25 -21.41 4.77
N ALA B 15 9.16 -21.27 6.09
CA ALA B 15 10.34 -21.31 6.95
C ALA B 15 10.86 -22.73 7.07
N GLU B 16 12.11 -22.92 6.71
CA GLU B 16 12.81 -24.19 6.86
C GLU B 16 14.12 -23.93 7.58
N ASN B 17 14.33 -24.61 8.70
CA ASN B 17 15.50 -24.37 9.53
C ASN B 17 16.78 -24.57 8.73
N GLY B 18 17.77 -23.71 8.99
CA GLY B 18 19.02 -23.71 8.26
C GLY B 18 18.98 -23.04 6.89
N LYS B 19 17.81 -22.87 6.29
CA LYS B 19 17.69 -22.28 4.96
C LYS B 19 17.43 -20.77 5.05
N SER B 20 18.23 -19.99 4.33
CA SER B 20 18.14 -18.54 4.41
C SER B 20 16.79 -18.03 3.88
N ASN B 21 16.33 -16.93 4.46
CA ASN B 21 15.00 -16.42 4.20
C ASN B 21 15.02 -14.91 4.45
N PHE B 22 13.83 -14.30 4.47
CA PHE B 22 13.63 -12.92 4.88
C PHE B 22 12.52 -12.89 5.90
N LEU B 23 12.72 -12.14 6.98
CA LEU B 23 11.71 -11.95 8.01
C LEU B 23 11.01 -10.62 7.76
N ASN B 24 9.68 -10.66 7.64
CA ASN B 24 8.87 -9.50 7.31
C ASN B 24 8.05 -9.09 8.52
N CYS B 25 7.92 -7.79 8.71
CA CYS B 25 6.89 -7.23 9.57
C CYS B 25 6.15 -6.18 8.77
N TYR B 26 4.89 -6.45 8.47
CA TYR B 26 4.04 -5.59 7.66
C TYR B 26 3.07 -4.87 8.58
N VAL B 27 3.05 -3.54 8.51
CA VAL B 27 2.13 -2.74 9.31
C VAL B 27 1.24 -1.97 8.34
N SER B 28 -0.08 -2.09 8.52
CA SER B 28 -1.01 -1.50 7.59
C SER B 28 -2.16 -0.86 8.36
N GLY B 29 -2.93 -0.05 7.64
CA GLY B 29 -4.16 0.46 8.19
C GLY B 29 -4.01 1.47 9.29
N PHE B 30 -2.85 2.12 9.45
CA PHE B 30 -2.64 3.11 10.51
C PHE B 30 -2.66 4.54 9.96
N HIS B 31 -3.02 5.49 10.84
CA HIS B 31 -3.05 6.94 10.64
C HIS B 31 -2.92 7.58 12.02
N PRO B 32 -1.97 8.52 12.21
CA PRO B 32 -1.09 9.11 11.20
C PRO B 32 0.14 8.26 10.86
N SER B 33 1.04 8.80 10.02
CA SER B 33 2.06 7.99 9.35
C SER B 33 3.30 7.77 10.21
N ASP B 34 3.52 8.57 11.26
CA ASP B 34 4.69 8.34 12.09
C ASP B 34 4.56 7.00 12.82
N ILE B 35 5.57 6.14 12.69
CA ILE B 35 5.53 4.81 13.28
C ILE B 35 6.96 4.34 13.49
N GLU B 36 7.18 3.60 14.57
CA GLU B 36 8.46 2.97 14.85
C GLU B 36 8.29 1.47 14.74
N VAL B 37 9.15 0.82 13.98
CA VAL B 37 9.10 -0.62 13.79
C VAL B 37 10.52 -1.15 13.91
N ASP B 38 10.69 -2.17 14.76
CA ASP B 38 11.96 -2.86 14.96
C ASP B 38 11.74 -4.36 14.86
N LEU B 39 12.73 -5.05 14.32
CA LEU B 39 12.69 -6.49 14.25
C LEU B 39 13.64 -7.04 15.31
N LEU B 40 13.18 -8.07 16.04
CA LEU B 40 13.87 -8.59 17.22
C LEU B 40 14.30 -10.04 17.01
N LYS B 41 15.53 -10.34 17.39
CA LYS B 41 16.03 -11.71 17.50
C LYS B 41 16.28 -11.98 18.98
N ASN B 42 15.50 -12.89 19.56
CA ASN B 42 15.56 -13.23 20.99
C ASN B 42 15.54 -11.98 21.87
N GLY B 43 14.74 -10.98 21.48
CA GLY B 43 14.59 -9.75 22.23
C GLY B 43 15.58 -8.64 21.92
N GLU B 44 16.60 -8.90 21.08
CA GLU B 44 17.56 -7.89 20.70
C GLU B 44 17.22 -7.27 19.34
N ARG B 45 17.38 -5.96 19.22
CA ARG B 45 17.10 -5.27 17.96
C ARG B 45 18.02 -5.78 16.86
N ILE B 46 17.46 -6.07 15.69
CA ILE B 46 18.29 -6.44 14.54
C ILE B 46 18.70 -5.16 13.82
N GLU B 47 19.96 -5.10 13.39
CA GLU B 47 20.56 -3.85 12.92
C GLU B 47 20.21 -3.52 11.48
N LYS B 48 20.65 -4.38 10.55
CA LYS B 48 20.47 -4.10 9.12
C LYS B 48 19.02 -4.46 8.76
N VAL B 49 18.11 -3.52 8.97
CA VAL B 49 16.70 -3.69 8.66
C VAL B 49 16.28 -2.58 7.74
N GLU B 50 15.84 -2.93 6.54
CA GLU B 50 15.33 -1.96 5.59
C GLU B 50 13.82 -1.92 5.64
N HIS B 51 13.25 -0.93 4.96
CA HIS B 51 11.81 -0.76 4.89
C HIS B 51 11.44 -0.13 3.56
N SER B 52 10.16 -0.27 3.20
CA SER B 52 9.67 0.24 1.92
C SER B 52 9.31 1.72 2.05
N ASP B 53 9.12 2.36 0.89
CA ASP B 53 8.73 3.77 0.88
C ASP B 53 7.29 3.92 1.35
N LEU B 54 7.02 5.03 2.03
CA LEU B 54 5.70 5.28 2.59
C LEU B 54 4.66 5.35 1.48
N SER B 55 3.58 4.58 1.62
CA SER B 55 2.44 4.65 0.71
C SER B 55 1.16 4.41 1.50
N PHE B 56 0.02 4.47 0.81
CA PHE B 56 -1.26 4.39 1.51
C PHE B 56 -2.33 3.76 0.60
N SER B 57 -3.37 3.24 1.26
CA SER B 57 -4.48 2.53 0.66
C SER B 57 -5.60 3.51 0.27
N LYS B 58 -6.65 2.96 -0.35
CA LYS B 58 -7.75 3.78 -0.83
C LYS B 58 -8.47 4.48 0.31
N ASP B 59 -8.40 3.93 1.52
CA ASP B 59 -9.04 4.57 2.67
C ASP B 59 -8.12 5.57 3.36
N TRP B 60 -6.97 5.87 2.76
CA TRP B 60 -5.94 6.85 3.18
C TRP B 60 -5.05 6.35 4.32
N SER B 61 -5.24 5.14 4.82
CA SER B 61 -4.36 4.61 5.85
C SER B 61 -3.08 4.10 5.22
N PHE B 62 -2.00 4.14 5.99
CA PHE B 62 -0.65 3.90 5.50
C PHE B 62 -0.25 2.45 5.67
N TYR B 63 0.73 2.03 4.87
CA TYR B 63 1.34 0.71 5.06
C TYR B 63 2.84 0.78 4.82
N LEU B 64 3.58 -0.04 5.56
CA LEU B 64 5.02 -0.17 5.42
C LEU B 64 5.42 -1.63 5.63
N LEU B 65 6.40 -2.08 4.84
CA LEU B 65 7.05 -3.37 5.01
C LEU B 65 8.46 -3.15 5.58
N TYR B 66 8.70 -3.72 6.75
CA TYR B 66 10.04 -3.84 7.29
C TYR B 66 10.54 -5.25 7.09
N TYR B 67 11.80 -5.38 6.69
CA TYR B 67 12.34 -6.69 6.33
C TYR B 67 13.85 -6.72 6.55
N THR B 68 14.34 -7.89 6.95
CA THR B 68 15.76 -8.20 6.99
C THR B 68 15.96 -9.66 6.63
N GLU B 69 17.12 -9.98 6.06
CA GLU B 69 17.50 -11.35 5.80
C GLU B 69 17.80 -12.09 7.09
N PHE B 70 17.42 -13.37 7.14
CA PHE B 70 17.65 -14.18 8.34
C PHE B 70 17.61 -15.67 7.98
N THR B 71 18.22 -16.47 8.84
CA THR B 71 18.23 -17.93 8.72
C THR B 71 17.56 -18.55 9.93
N PRO B 72 16.33 -19.04 9.82
CA PRO B 72 15.63 -19.55 11.00
C PRO B 72 16.23 -20.85 11.51
N THR B 73 16.13 -21.03 12.83
CA THR B 73 16.58 -22.22 13.54
C THR B 73 15.42 -22.74 14.38
N GLU B 74 15.65 -23.88 15.03
CA GLU B 74 14.61 -24.41 15.92
C GLU B 74 14.38 -23.49 17.10
N LYS B 75 15.46 -22.92 17.65
CA LYS B 75 15.44 -22.27 18.94
C LYS B 75 15.21 -20.76 18.90
N ASP B 76 15.67 -20.09 17.84
CA ASP B 76 15.63 -18.62 17.81
C ASP B 76 14.19 -18.10 17.71
N GLU B 77 13.83 -17.20 18.62
CA GLU B 77 12.54 -16.51 18.58
C GLU B 77 12.72 -15.15 17.93
N TYR B 78 11.95 -14.89 16.90
CA TYR B 78 11.91 -13.58 16.28
C TYR B 78 10.61 -12.88 16.65
N ALA B 79 10.63 -11.55 16.60
CA ALA B 79 9.43 -10.78 16.85
C ALA B 79 9.57 -9.40 16.21
N CYS B 80 8.45 -8.70 16.13
CA CYS B 80 8.39 -7.35 15.60
C CYS B 80 7.81 -6.46 16.69
N ARG B 81 8.44 -5.30 16.90
CA ARG B 81 8.05 -4.34 17.93
C ARG B 81 7.65 -3.03 17.26
N VAL B 82 6.45 -2.57 17.59
CA VAL B 82 5.78 -1.51 16.86
C VAL B 82 5.31 -0.47 17.85
N ASN B 83 5.64 0.80 17.60
CA ASN B 83 5.05 1.87 18.40
C ASN B 83 4.41 2.92 17.50
N HIS B 84 3.32 3.49 18.00
CA HIS B 84 2.45 4.40 17.27
C HIS B 84 1.67 5.20 18.31
N VAL B 85 1.18 6.38 17.89
CA VAL B 85 0.53 7.29 18.83
C VAL B 85 -0.69 6.63 19.48
N THR B 86 -1.39 5.77 18.74
CA THR B 86 -2.55 5.02 19.23
C THR B 86 -2.18 3.87 20.15
N LEU B 87 -0.90 3.60 20.36
CA LEU B 87 -0.48 2.54 21.27
C LEU B 87 0.17 3.18 22.48
N SER B 88 -0.30 2.81 23.66
CA SER B 88 0.24 3.34 24.90
C SER B 88 1.65 2.81 25.17
N GLN B 89 1.93 1.59 24.77
CA GLN B 89 3.24 0.97 24.93
C GLN B 89 3.57 0.17 23.69
N PRO B 90 4.85 0.02 23.37
CA PRO B 90 5.23 -0.74 22.18
C PRO B 90 4.65 -2.15 22.21
N LYS B 91 3.94 -2.50 21.14
CA LYS B 91 3.34 -3.83 20.98
C LYS B 91 4.34 -4.77 20.33
N ILE B 92 4.44 -5.98 20.87
CA ILE B 92 5.38 -6.98 20.38
C ILE B 92 4.59 -8.17 19.87
N VAL B 93 4.78 -8.50 18.60
CA VAL B 93 4.08 -9.58 17.92
C VAL B 93 5.13 -10.61 17.53
N LYS B 94 5.08 -11.78 18.17
CA LYS B 94 6.05 -12.84 17.90
C LYS B 94 5.83 -13.45 16.53
N TRP B 95 6.89 -14.04 15.99
CA TRP B 95 6.79 -14.79 14.75
C TRP B 95 6.41 -16.24 15.03
N ASP B 96 5.24 -16.66 14.55
CA ASP B 96 4.85 -18.08 14.50
C ASP B 96 4.85 -18.55 13.05
N ARG B 97 5.55 -19.65 12.78
CA ARG B 97 5.65 -20.14 11.40
C ARG B 97 4.29 -20.41 10.76
N ASP B 98 3.20 -20.30 11.51
CA ASP B 98 1.89 -20.68 11.02
C ASP B 98 0.93 -19.51 10.87
N MET B 99 1.42 -18.28 10.88
CA MET B 99 0.62 -17.09 10.57
C MET B 99 1.35 -16.12 9.64
N TYR C 1 5.23 8.90 -15.14
CA TYR C 1 5.61 10.27 -15.46
C TYR C 1 4.83 11.24 -14.59
N VAL C 2 5.54 12.05 -13.80
CA VAL C 2 4.91 12.97 -12.86
C VAL C 2 4.14 14.02 -13.63
N ALA C 3 2.95 14.37 -13.14
CA ALA C 3 2.13 15.40 -13.76
C ALA C 3 2.70 16.79 -13.49
N ARG C 4 2.55 17.67 -14.47
CA ARG C 4 2.88 19.07 -14.34
C ARG C 4 1.57 19.83 -14.22
N THR C 5 0.95 19.68 -13.07
CA THR C 5 -0.31 20.35 -12.76
C THR C 5 -0.10 21.16 -11.50
N ASN C 6 -1.10 21.97 -11.18
CA ASN C 6 -1.04 22.86 -10.03
C ASN C 6 -1.91 22.33 -8.90
N ILE C 7 -1.43 22.50 -7.67
CA ILE C 7 -2.07 21.88 -6.52
C ILE C 7 -2.03 22.82 -5.31
N TYR C 8 -1.92 24.13 -5.54
CA TYR C 8 -1.94 25.07 -4.43
C TYR C 8 -3.35 25.14 -3.84
N TYR C 9 -3.42 25.29 -2.52
CA TYR C 9 -4.74 25.33 -1.85
C TYR C 9 -5.15 26.78 -1.52
#